data_7HG1
#
_entry.id   7HG1
#
_cell.length_a   41.370
_cell.length_b   42.010
_cell.length_c   159.070
_cell.angle_alpha   90.00
_cell.angle_beta   90.00
_cell.angle_gamma   90.00
#
_symmetry.space_group_name_H-M   'P 21 21 21'
#
loop_
_entity.id
_entity.type
_entity.pdbx_description
1 polymer 'Hepatoma-derived growth factor-related protein 2'
2 non-polymer 'SULFATE ION'
3 non-polymer 1,2-ETHANEDIOL
4 non-polymer 6-methyl-2-[(3-methyl-1,2-oxazol-5-yl)methyl]pyridazin-3(2H)-one
5 water water
#
_entity_poly.entity_id   1
_entity_poly.type   'polypeptide(L)'
_entity_poly.pdbx_seq_one_letter_code
;GMPHAFKPGDLVFAKMKGYPHWPARIDDIADGAVKPPPNKYPIFFFGTHETAFLGPKDLFPYDKSKDKYGKPNKRKGFNE
GLWEIQNNPHASYS
;
_entity_poly.pdbx_strand_id   A,B,C
#
loop_
_chem_comp.id
_chem_comp.type
_chem_comp.name
_chem_comp.formula
EDO non-polymer 1,2-ETHANEDIOL 'C2 H6 O2'
SO4 non-polymer 'SULFATE ION' 'O4 S -2'
UWS non-polymer 6-methyl-2-[(3-methyl-1,2-oxazol-5-yl)methyl]pyridazin-3(2H)-one 'C10 H11 N3 O2'
#
# COMPACT_ATOMS: atom_id res chain seq x y z
N MET A 2 13.53 18.82 -16.18
CA MET A 2 13.55 19.44 -14.84
C MET A 2 12.44 18.87 -13.96
N PRO A 3 12.63 18.86 -12.62
CA PRO A 3 11.63 18.27 -11.71
C PRO A 3 10.30 19.01 -11.54
N HIS A 4 9.23 18.25 -11.33
CA HIS A 4 7.94 18.83 -11.03
C HIS A 4 7.78 18.89 -9.51
N ALA A 5 6.63 19.39 -9.04
CA ALA A 5 6.22 19.16 -7.66
C ALA A 5 5.92 17.68 -7.42
N PHE A 6 5.92 17.29 -6.14
CA PHE A 6 5.61 15.92 -5.77
C PHE A 6 4.16 15.58 -6.16
N LYS A 7 3.96 14.34 -6.62
CA LYS A 7 2.59 13.93 -6.88
C LYS A 7 2.37 12.51 -6.36
N PRO A 8 1.11 12.12 -6.06
CA PRO A 8 0.80 10.75 -5.65
C PRO A 8 1.45 9.79 -6.64
N GLY A 9 2.01 8.71 -6.11
CA GLY A 9 2.70 7.69 -6.89
C GLY A 9 4.23 7.87 -6.87
N ASP A 10 4.72 9.09 -6.65
CA ASP A 10 6.17 9.31 -6.59
C ASP A 10 6.83 8.49 -5.49
N LEU A 11 8.02 7.91 -5.78
CA LEU A 11 8.68 7.02 -4.84
C LEU A 11 9.84 7.82 -4.27
N VAL A 12 10.09 7.62 -2.98
CA VAL A 12 11.06 8.46 -2.28
C VAL A 12 11.70 7.61 -1.19
N PHE A 13 12.77 8.17 -0.62
CA PHE A 13 13.13 7.85 0.75
C PHE A 13 12.63 9.02 1.60
N ALA A 14 11.95 8.70 2.73
CA ALA A 14 11.37 9.75 3.54
C ALA A 14 12.08 9.77 4.90
N LYS A 15 12.35 10.98 5.39
CA LYS A 15 13.20 11.09 6.57
C LYS A 15 12.34 11.59 7.72
N MET A 16 12.34 10.80 8.80
CA MET A 16 11.74 11.20 10.06
C MET A 16 12.82 11.19 11.15
N LYS A 17 12.72 12.14 12.09
CA LYS A 17 13.66 12.24 13.21
C LYS A 17 13.82 10.87 13.86
N GLY A 18 15.07 10.45 14.06
CA GLY A 18 15.32 9.27 14.84
C GLY A 18 15.08 8.00 14.04
N TYR A 19 14.94 8.14 12.71
CA TYR A 19 14.82 6.94 11.90
C TYR A 19 15.69 7.11 10.67
N PRO A 20 16.18 6.02 10.05
CA PRO A 20 16.99 6.12 8.83
C PRO A 20 16.03 6.55 7.72
N HIS A 21 16.57 7.14 6.65
CA HIS A 21 15.83 7.43 5.42
C HIS A 21 15.10 6.16 4.98
N TRP A 22 13.77 6.26 4.80
CA TRP A 22 12.92 5.09 4.75
C TRP A 22 12.19 4.96 3.40
N PRO A 23 12.19 3.78 2.74
CA PRO A 23 11.51 3.64 1.44
C PRO A 23 10.03 3.97 1.64
N ALA A 24 9.49 4.81 0.74
CA ALA A 24 8.15 5.33 0.90
C ALA A 24 7.59 5.84 -0.43
N ARG A 25 6.28 6.14 -0.44
CA ARG A 25 5.71 6.74 -1.61
C ARG A 25 4.78 7.88 -1.19
N ILE A 26 4.49 8.78 -2.14
CA ILE A 26 3.46 9.79 -1.91
C ILE A 26 2.13 9.11 -2.20
N ASP A 27 1.21 9.13 -1.23
CA ASP A 27 -0.10 8.50 -1.43
C ASP A 27 -1.11 9.48 -2.01
N ASP A 28 -2.18 8.91 -2.55
CA ASP A 28 -3.41 9.62 -2.80
C ASP A 28 -4.14 9.82 -1.46
N ILE A 29 -5.07 10.77 -1.43
CA ILE A 29 -6.04 10.85 -0.34
C ILE A 29 -7.34 10.28 -0.90
N ALA A 30 -7.89 9.23 -0.27
CA ALA A 30 -9.14 8.63 -0.74
C ALA A 30 -10.29 9.61 -0.47
N ASP A 31 -11.27 9.59 -1.39
CA ASP A 31 -12.52 10.27 -1.13
C ASP A 31 -12.98 9.95 0.28
N GLY A 32 -13.29 11.02 1.02
CA GLY A 32 -13.88 10.93 2.33
C GLY A 32 -12.84 10.78 3.45
N ALA A 33 -11.56 10.64 3.09
CA ALA A 33 -10.49 10.40 4.05
C ALA A 33 -9.91 11.73 4.55
N VAL A 34 -9.26 11.66 5.73
CA VAL A 34 -8.54 12.77 6.37
C VAL A 34 -7.43 13.26 5.46
N LYS A 35 -7.43 14.58 5.22
CA LYS A 35 -6.48 15.28 4.38
C LYS A 35 -5.26 15.66 5.24
N PRO A 36 -4.08 15.92 4.64
CA PRO A 36 -2.88 16.25 5.41
C PRO A 36 -3.00 17.75 5.70
N PRO A 37 -2.24 18.31 6.66
CA PRO A 37 -2.15 19.75 6.82
C PRO A 37 -1.68 20.40 5.51
N PRO A 38 -1.89 21.73 5.37
CA PRO A 38 -1.22 22.53 4.34
C PRO A 38 0.27 22.27 4.20
N ASN A 39 0.73 22.16 2.95
CA ASN A 39 2.14 22.03 2.63
C ASN A 39 2.73 20.66 3.02
N LYS A 40 1.90 19.73 3.53
CA LYS A 40 2.34 18.38 3.84
C LYS A 40 1.75 17.36 2.83
N TYR A 41 2.43 16.23 2.69
CA TYR A 41 2.00 15.17 1.77
C TYR A 41 1.73 13.93 2.58
N PRO A 42 0.80 13.03 2.19
CA PRO A 42 0.61 11.80 2.94
C PRO A 42 1.69 10.81 2.48
N ILE A 43 2.52 10.38 3.42
CA ILE A 43 3.59 9.49 3.04
C ILE A 43 3.24 8.09 3.52
N PHE A 44 3.30 7.14 2.60
CA PHE A 44 3.14 5.75 2.97
C PHE A 44 4.53 5.11 3.07
N PHE A 45 4.86 4.59 4.25
CA PHE A 45 6.17 3.97 4.45
C PHE A 45 6.00 2.48 4.10
N PHE A 46 6.83 2.00 3.18
CA PHE A 46 6.85 0.60 2.81
C PHE A 46 7.38 -0.19 4.01
N GLY A 47 6.98 -1.46 4.10
CA GLY A 47 7.48 -2.31 5.17
C GLY A 47 6.62 -2.17 6.41
N THR A 48 6.58 -0.97 7.01
CA THR A 48 5.79 -0.72 8.20
C THR A 48 4.34 -0.53 7.80
N HIS A 49 4.15 0.01 6.60
CA HIS A 49 2.82 0.32 6.10
C HIS A 49 2.17 1.43 6.92
N GLU A 50 2.95 2.24 7.62
CA GLU A 50 2.43 3.39 8.35
C GLU A 50 2.41 4.63 7.45
N THR A 51 1.53 5.59 7.76
CA THR A 51 1.44 6.87 7.08
C THR A 51 1.91 7.98 8.05
N ALA A 52 2.60 8.98 7.51
CA ALA A 52 2.79 10.24 8.20
C ALA A 52 2.67 11.36 7.19
N PHE A 53 2.56 12.58 7.71
CA PHE A 53 2.47 13.77 6.89
C PHE A 53 3.82 14.45 6.90
N LEU A 54 4.40 14.66 5.71
CA LEU A 54 5.73 15.24 5.66
C LEU A 54 5.81 16.29 4.54
N GLY A 55 6.71 17.26 4.74
CA GLY A 55 6.99 18.29 3.74
C GLY A 55 8.22 17.92 2.89
N PRO A 56 8.40 18.56 1.71
CA PRO A 56 9.47 18.23 0.75
C PRO A 56 10.89 18.13 1.31
N LYS A 57 11.16 18.91 2.36
CA LYS A 57 12.51 18.87 2.93
C LYS A 57 12.90 17.47 3.38
N ASP A 58 11.89 16.63 3.65
CA ASP A 58 12.16 15.32 4.19
C ASP A 58 11.97 14.23 3.13
N LEU A 59 11.77 14.64 1.86
CA LEU A 59 11.46 13.70 0.80
C LEU A 59 12.58 13.68 -0.24
N PHE A 60 13.17 12.49 -0.43
CA PHE A 60 14.32 12.30 -1.32
C PHE A 60 13.93 11.34 -2.43
N PRO A 61 13.85 11.84 -3.66
CA PRO A 61 13.45 10.99 -4.80
C PRO A 61 14.27 9.70 -4.93
N TYR A 62 13.52 8.60 -5.11
CA TYR A 62 14.01 7.24 -5.01
C TYR A 62 15.20 6.96 -5.94
N ASP A 63 15.02 7.25 -7.22
CA ASP A 63 16.02 6.97 -8.26
C ASP A 63 17.38 7.60 -7.88
N LYS A 64 17.35 8.91 -7.58
CA LYS A 64 18.57 9.63 -7.26
C LYS A 64 19.24 9.09 -5.99
N SER A 65 18.44 8.59 -5.02
CA SER A 65 18.90 8.37 -3.65
C SER A 65 19.14 6.89 -3.33
N LYS A 66 18.74 5.98 -4.23
CA LYS A 66 18.74 4.57 -3.83
C LYS A 66 20.14 4.01 -3.58
N ASP A 67 21.13 4.50 -4.32
N ASP A 67 21.14 4.46 -4.36
CA ASP A 67 22.52 4.04 -4.16
CA ASP A 67 22.50 4.01 -4.11
C ASP A 67 23.02 4.35 -2.75
C ASP A 67 22.84 4.24 -2.64
N LYS A 68 22.53 5.45 -2.16
CA LYS A 68 22.93 5.86 -0.82
C LYS A 68 22.08 5.20 0.27
N TYR A 69 20.75 5.16 0.07
CA TYR A 69 19.88 4.88 1.20
C TYR A 69 19.28 3.48 1.11
N GLY A 70 19.40 2.84 -0.05
CA GLY A 70 18.74 1.57 -0.29
C GLY A 70 19.63 0.39 0.13
N LYS A 71 20.01 0.38 1.41
CA LYS A 71 20.87 -0.65 1.98
C LYS A 71 20.12 -1.28 3.16
N PRO A 72 20.32 -2.59 3.43
CA PRO A 72 19.57 -3.24 4.52
C PRO A 72 19.85 -2.58 5.85
N ASN A 73 18.89 -2.69 6.77
CA ASN A 73 18.89 -1.96 8.02
C ASN A 73 18.21 -2.83 9.07
N LYS A 74 18.66 -2.69 10.31
CA LYS A 74 18.20 -3.52 11.41
C LYS A 74 16.72 -3.28 11.70
N ARG A 75 16.24 -2.04 11.49
CA ARG A 75 14.97 -1.60 12.02
C ARG A 75 13.79 -2.38 11.44
N LYS A 76 12.75 -2.56 12.27
CA LYS A 76 11.57 -3.36 11.98
C LYS A 76 10.89 -2.88 10.69
N GLY A 77 10.76 -3.77 9.71
CA GLY A 77 9.98 -3.49 8.52
C GLY A 77 10.82 -2.90 7.36
N PHE A 78 12.09 -2.57 7.62
CA PHE A 78 12.86 -1.83 6.63
C PHE A 78 13.19 -2.68 5.39
N ASN A 79 13.62 -3.92 5.62
CA ASN A 79 14.07 -4.77 4.53
C ASN A 79 12.87 -5.21 3.68
N GLU A 80 11.75 -5.44 4.37
CA GLU A 80 10.48 -5.64 3.70
C GLU A 80 10.19 -4.40 2.85
N GLY A 81 10.36 -3.21 3.45
CA GLY A 81 10.24 -1.95 2.73
C GLY A 81 11.05 -1.87 1.44
N LEU A 82 12.33 -2.25 1.51
CA LEU A 82 13.18 -2.20 0.32
C LEU A 82 12.62 -3.09 -0.80
N TRP A 83 12.02 -4.25 -0.43
CA TRP A 83 11.53 -5.18 -1.43
C TRP A 83 10.33 -4.56 -2.12
N GLU A 84 9.47 -3.93 -1.33
CA GLU A 84 8.23 -3.36 -1.83
C GLU A 84 8.54 -2.23 -2.81
N ILE A 85 9.43 -1.33 -2.43
CA ILE A 85 9.64 -0.19 -3.30
C ILE A 85 10.29 -0.62 -4.63
N GLN A 86 11.09 -1.68 -4.60
CA GLN A 86 11.77 -2.15 -5.81
C GLN A 86 10.83 -3.01 -6.67
N ASN A 87 9.94 -3.83 -6.04
CA ASN A 87 9.26 -4.91 -6.71
C ASN A 87 7.76 -4.66 -6.94
N ASN A 88 7.09 -3.88 -6.05
CA ASN A 88 5.68 -3.59 -6.25
C ASN A 88 5.32 -2.28 -5.53
N PRO A 89 5.91 -1.14 -5.97
CA PRO A 89 5.75 0.11 -5.22
C PRO A 89 4.35 0.71 -5.29
N HIS A 90 3.52 0.23 -6.26
CA HIS A 90 2.21 0.81 -6.52
C HIS A 90 1.03 -0.09 -6.12
N ALA A 91 1.32 -1.22 -5.45
CA ALA A 91 0.35 -2.16 -4.92
C ALA A 91 -0.48 -1.58 -3.77
N SER A 92 -1.68 -2.15 -3.59
CA SER A 92 -2.44 -1.89 -2.38
C SER A 92 -1.81 -2.68 -1.22
N TYR A 93 -1.39 -1.98 -0.17
CA TYR A 93 -0.79 -2.64 0.98
C TYR A 93 -1.78 -2.68 2.16
N SER A 94 -3.05 -2.38 1.89
CA SER A 94 -4.09 -2.35 2.91
C SER A 94 -4.40 -3.78 3.38
N MET B 2 -44.63 3.79 -6.84
CA MET B 2 -45.21 4.06 -5.50
C MET B 2 -44.31 5.04 -4.75
N PRO B 3 -44.86 6.18 -4.24
CA PRO B 3 -44.08 7.13 -3.45
C PRO B 3 -43.56 6.39 -2.22
N HIS B 4 -42.40 6.84 -1.72
CA HIS B 4 -41.83 6.26 -0.52
C HIS B 4 -41.63 7.36 0.52
N ALA B 5 -41.19 6.98 1.74
CA ALA B 5 -40.90 7.97 2.75
C ALA B 5 -39.92 8.98 2.17
N PHE B 6 -38.88 8.45 1.53
CA PHE B 6 -37.88 9.25 0.82
C PHE B 6 -38.15 9.18 -0.67
N LYS B 7 -38.12 10.34 -1.33
CA LYS B 7 -38.32 10.38 -2.77
C LYS B 7 -37.09 10.98 -3.46
N PRO B 8 -36.82 10.63 -4.74
CA PRO B 8 -35.68 11.20 -5.48
C PRO B 8 -35.68 12.73 -5.36
N GLY B 9 -34.50 13.29 -5.08
CA GLY B 9 -34.32 14.74 -4.97
C GLY B 9 -34.31 15.21 -3.52
N ASP B 10 -34.74 14.34 -2.60
CA ASP B 10 -34.74 14.63 -1.18
C ASP B 10 -33.29 14.79 -0.71
N LEU B 11 -33.04 15.82 0.09
CA LEU B 11 -31.67 16.08 0.53
C LEU B 11 -31.53 15.52 1.93
N VAL B 12 -30.34 14.96 2.25
CA VAL B 12 -30.11 14.31 3.53
C VAL B 12 -28.66 14.54 3.97
N PHE B 13 -28.36 14.23 5.23
CA PHE B 13 -27.04 13.70 5.53
C PHE B 13 -27.14 12.19 5.59
N ALA B 14 -26.15 11.50 4.97
CA ALA B 14 -26.12 10.04 4.91
C ALA B 14 -24.89 9.53 5.66
N LYS B 15 -25.10 8.48 6.47
CA LYS B 15 -24.10 7.99 7.41
C LYS B 15 -23.56 6.65 6.89
N MET B 16 -22.25 6.66 6.66
CA MET B 16 -21.52 5.43 6.35
C MET B 16 -20.50 5.18 7.46
N LYS B 17 -20.36 3.89 7.82
CA LYS B 17 -19.30 3.45 8.71
C LYS B 17 -17.96 4.01 8.20
N GLY B 18 -17.26 4.74 9.07
CA GLY B 18 -15.93 5.25 8.74
C GLY B 18 -15.93 6.75 8.43
N TYR B 19 -17.11 7.36 8.32
CA TYR B 19 -17.16 8.73 7.83
C TYR B 19 -18.20 9.53 8.60
N PRO B 20 -18.09 10.88 8.69
CA PRO B 20 -19.10 11.68 9.38
C PRO B 20 -20.36 11.75 8.51
N HIS B 21 -21.52 12.02 9.12
CA HIS B 21 -22.77 12.26 8.40
C HIS B 21 -22.52 13.18 7.20
N TRP B 22 -22.90 12.76 6.01
CA TRP B 22 -22.32 13.34 4.80
C TRP B 22 -23.41 13.96 3.93
N PRO B 23 -23.29 15.23 3.47
CA PRO B 23 -24.33 15.86 2.65
C PRO B 23 -24.58 14.99 1.42
N ALA B 24 -25.85 14.69 1.15
CA ALA B 24 -26.15 13.75 0.08
C ALA B 24 -27.59 13.94 -0.40
N ARG B 25 -27.96 13.14 -1.41
CA ARG B 25 -29.30 13.17 -1.96
C ARG B 25 -29.71 11.75 -2.33
N ILE B 26 -31.04 11.55 -2.41
CA ILE B 26 -31.64 10.34 -2.94
C ILE B 26 -31.65 10.54 -4.45
N ASP B 27 -31.16 9.55 -5.18
CA ASP B 27 -31.22 9.49 -6.63
C ASP B 27 -32.36 8.59 -7.11
N ASP B 28 -32.65 8.63 -8.43
N ASP B 28 -32.66 8.64 -8.42
CA ASP B 28 -33.50 7.66 -9.10
CA ASP B 28 -33.49 7.66 -9.11
C ASP B 28 -32.68 6.43 -9.43
C ASP B 28 -32.68 6.39 -9.32
N ILE B 29 -33.35 5.31 -9.75
CA ILE B 29 -32.70 4.03 -9.97
C ILE B 29 -32.24 3.93 -11.44
N VAL B 34 -28.04 -1.99 -11.59
CA VAL B 34 -28.47 -2.63 -10.31
C VAL B 34 -29.79 -1.98 -9.88
N LYS B 35 -30.61 -2.73 -9.14
CA LYS B 35 -31.71 -2.14 -8.40
C LYS B 35 -31.35 -2.13 -6.91
N PRO B 36 -31.69 -1.06 -6.15
CA PRO B 36 -31.39 -0.99 -4.72
C PRO B 36 -31.84 -2.26 -4.02
N PRO B 37 -31.04 -2.85 -3.09
CA PRO B 37 -31.52 -3.97 -2.30
C PRO B 37 -32.81 -3.52 -1.61
N PRO B 38 -33.67 -4.47 -1.17
CA PRO B 38 -34.88 -4.12 -0.41
C PRO B 38 -34.59 -3.24 0.81
N ASN B 39 -35.44 -2.23 1.02
CA ASN B 39 -35.38 -1.32 2.16
C ASN B 39 -34.40 -0.16 1.92
N LYS B 40 -33.58 -0.24 0.87
CA LYS B 40 -32.46 0.68 0.73
C LYS B 40 -32.71 1.65 -0.41
N TYR B 41 -32.00 2.79 -0.39
CA TYR B 41 -32.16 3.81 -1.41
C TYR B 41 -30.82 4.07 -2.09
N PRO B 42 -30.83 4.50 -3.39
CA PRO B 42 -29.61 4.96 -4.05
C PRO B 42 -29.26 6.33 -3.49
N ILE B 43 -28.04 6.44 -2.92
CA ILE B 43 -27.56 7.70 -2.35
C ILE B 43 -26.45 8.27 -3.22
N PHE B 44 -26.49 9.60 -3.42
CA PHE B 44 -25.40 10.31 -4.06
C PHE B 44 -24.74 11.22 -3.05
N PHE B 45 -23.43 11.00 -2.82
CA PHE B 45 -22.69 11.85 -1.90
C PHE B 45 -22.15 13.04 -2.64
N PHE B 46 -22.53 14.24 -2.16
CA PHE B 46 -21.99 15.48 -2.69
C PHE B 46 -20.50 15.59 -2.35
N GLY B 47 -19.77 16.36 -3.16
CA GLY B 47 -18.34 16.59 -2.95
C GLY B 47 -17.53 15.45 -3.56
N THR B 48 -17.72 14.21 -3.09
CA THR B 48 -16.98 13.07 -3.59
C THR B 48 -17.64 12.53 -4.85
N HIS B 49 -18.95 12.77 -4.93
CA HIS B 49 -19.79 12.29 -6.02
C HIS B 49 -19.77 10.77 -6.08
N GLU B 50 -19.59 10.10 -4.94
CA GLU B 50 -19.67 8.63 -4.89
C GLU B 50 -21.12 8.22 -4.65
N THR B 51 -21.42 6.93 -4.82
CA THR B 51 -22.76 6.45 -4.59
C THR B 51 -22.71 5.23 -3.68
N ALA B 52 -23.86 4.92 -3.07
CA ALA B 52 -24.00 3.75 -2.22
C ALA B 52 -25.49 3.49 -2.02
N PHE B 53 -25.79 2.33 -1.45
CA PHE B 53 -27.14 2.02 -1.03
C PHE B 53 -27.19 2.11 0.51
N LEU B 54 -28.15 2.91 1.02
CA LEU B 54 -28.37 3.00 2.47
C LEU B 54 -29.85 2.85 2.79
N GLY B 55 -30.13 2.33 3.99
CA GLY B 55 -31.47 2.24 4.52
C GLY B 55 -31.78 3.51 5.32
N PRO B 56 -33.07 3.77 5.63
CA PRO B 56 -33.49 4.95 6.38
C PRO B 56 -32.77 5.27 7.69
N LYS B 57 -32.23 4.24 8.37
CA LYS B 57 -31.62 4.45 9.68
C LYS B 57 -30.41 5.35 9.54
N ASP B 58 -29.90 5.43 8.31
CA ASP B 58 -28.65 6.12 8.04
C ASP B 58 -28.91 7.41 7.26
N LEU B 59 -30.20 7.80 7.13
CA LEU B 59 -30.57 8.97 6.35
C LEU B 59 -31.24 10.03 7.21
N PHE B 60 -30.65 11.21 7.22
CA PHE B 60 -31.12 12.27 8.09
C PHE B 60 -31.62 13.40 7.20
N PRO B 61 -32.95 13.68 7.17
CA PRO B 61 -33.47 14.82 6.42
C PRO B 61 -32.66 16.09 6.65
N TYR B 62 -32.26 16.73 5.54
CA TYR B 62 -31.23 17.75 5.56
C TYR B 62 -31.65 18.98 6.35
N ASP B 63 -32.91 19.41 6.16
CA ASP B 63 -33.45 20.58 6.84
C ASP B 63 -33.35 20.43 8.35
N LYS B 64 -33.93 19.35 8.85
CA LYS B 64 -33.91 19.03 10.27
C LYS B 64 -32.49 18.99 10.84
N SER B 65 -31.50 18.50 10.09
CA SER B 65 -30.23 18.11 10.71
C SER B 65 -29.04 18.99 10.31
N LYS B 66 -29.28 19.98 9.45
CA LYS B 66 -28.22 20.80 8.88
C LYS B 66 -27.35 21.50 9.92
N ASP B 67 -27.90 21.92 11.06
CA ASP B 67 -27.01 22.68 11.94
C ASP B 67 -26.21 21.73 12.84
N LYS B 68 -26.73 20.50 12.99
CA LYS B 68 -26.03 19.47 13.73
C LYS B 68 -24.90 18.91 12.87
N TYR B 69 -25.19 18.53 11.60
CA TYR B 69 -24.23 17.75 10.82
C TYR B 69 -23.46 18.61 9.82
N GLY B 70 -23.83 19.89 9.72
CA GLY B 70 -23.47 20.66 8.53
C GLY B 70 -22.23 21.53 8.74
N LYS B 71 -21.26 21.01 9.50
CA LYS B 71 -20.10 21.79 9.89
C LYS B 71 -18.89 21.26 9.13
N PRO B 72 -18.04 22.16 8.57
CA PRO B 72 -16.83 21.73 7.87
C PRO B 72 -15.95 20.84 8.75
N ASN B 73 -15.20 19.92 8.12
CA ASN B 73 -14.23 19.05 8.77
C ASN B 73 -13.07 18.79 7.79
N LYS B 74 -12.22 17.80 8.09
CA LYS B 74 -10.97 17.62 7.37
C LYS B 74 -11.08 16.48 6.34
N ARG B 75 -12.30 16.01 6.05
CA ARG B 75 -12.44 14.88 5.15
C ARG B 75 -12.46 15.43 3.72
N LYS B 76 -11.76 14.72 2.80
CA LYS B 76 -11.64 15.13 1.42
C LYS B 76 -13.02 15.11 0.75
N GLY B 77 -13.43 16.25 0.20
CA GLY B 77 -14.67 16.34 -0.56
C GLY B 77 -15.83 16.89 0.26
N PHE B 78 -15.65 17.04 1.58
CA PHE B 78 -16.75 17.37 2.49
C PHE B 78 -17.14 18.82 2.35
N ASN B 79 -16.15 19.72 2.33
CA ASN B 79 -16.53 21.12 2.21
C ASN B 79 -17.11 21.38 0.82
N GLU B 80 -16.64 20.65 -0.20
CA GLU B 80 -17.22 20.77 -1.52
C GLU B 80 -18.67 20.28 -1.50
N GLY B 81 -18.93 19.20 -0.73
CA GLY B 81 -20.26 18.63 -0.60
C GLY B 81 -21.20 19.61 0.09
N LEU B 82 -20.69 20.34 1.09
CA LEU B 82 -21.50 21.35 1.74
C LEU B 82 -21.83 22.46 0.74
N TRP B 83 -20.88 22.82 -0.12
CA TRP B 83 -21.14 23.80 -1.17
C TRP B 83 -22.26 23.32 -2.10
N GLU B 84 -22.18 22.05 -2.51
CA GLU B 84 -23.06 21.48 -3.52
C GLU B 84 -24.51 21.38 -3.03
N ILE B 85 -24.69 20.97 -1.78
CA ILE B 85 -26.02 20.67 -1.27
C ILE B 85 -26.76 21.99 -1.05
N GLN B 86 -25.99 23.05 -0.78
CA GLN B 86 -26.46 24.40 -0.53
C GLN B 86 -26.73 25.17 -1.84
N ASN B 87 -25.97 24.92 -2.91
CA ASN B 87 -25.98 25.89 -4.00
C ASN B 87 -26.55 25.28 -5.28
N ASN B 88 -26.48 23.95 -5.40
CA ASN B 88 -26.95 23.31 -6.61
C ASN B 88 -27.18 21.82 -6.36
N PRO B 89 -28.06 21.50 -5.37
CA PRO B 89 -28.31 20.11 -4.99
C PRO B 89 -28.81 19.20 -6.10
N HIS B 90 -29.42 19.79 -7.14
CA HIS B 90 -30.10 18.97 -8.13
C HIS B 90 -29.33 18.87 -9.45
N ALA B 91 -28.08 19.35 -9.47
CA ALA B 91 -27.28 19.36 -10.69
C ALA B 91 -26.91 17.95 -11.13
N SER B 92 -26.55 17.82 -12.42
CA SER B 92 -25.81 16.66 -12.89
C SER B 92 -24.34 16.82 -12.50
N TYR B 93 -23.83 15.79 -11.82
CA TYR B 93 -22.42 15.71 -11.43
C TYR B 93 -21.77 14.62 -12.27
N SER B 94 -22.60 14.04 -13.17
CA SER B 94 -22.30 13.07 -14.20
C SER B 94 -21.05 12.24 -13.88
N HIS C 4 17.22 -29.26 -14.68
CA HIS C 4 18.37 -28.41 -15.10
C HIS C 4 19.65 -29.00 -14.50
N ALA C 5 20.67 -28.14 -14.31
CA ALA C 5 21.77 -28.40 -13.40
C ALA C 5 22.29 -27.07 -12.84
N PHE C 6 23.26 -27.17 -11.92
CA PHE C 6 23.59 -26.06 -11.04
C PHE C 6 25.09 -26.02 -10.81
N LYS C 7 25.75 -24.99 -11.37
CA LYS C 7 27.17 -24.76 -11.15
C LYS C 7 27.33 -23.76 -10.01
N PRO C 8 28.52 -23.61 -9.39
CA PRO C 8 28.70 -22.61 -8.32
C PRO C 8 28.33 -21.21 -8.77
N GLY C 9 27.77 -20.41 -7.84
CA GLY C 9 27.37 -19.03 -8.10
C GLY C 9 25.94 -18.89 -8.64
N ASP C 10 25.35 -19.99 -9.13
CA ASP C 10 23.97 -20.00 -9.60
C ASP C 10 23.02 -19.59 -8.48
N LEU C 11 21.99 -18.83 -8.85
CA LEU C 11 21.08 -18.26 -7.87
C LEU C 11 19.79 -19.08 -7.88
N VAL C 12 19.31 -19.46 -6.68
CA VAL C 12 18.17 -20.35 -6.52
C VAL C 12 17.31 -19.88 -5.33
N PHE C 13 16.15 -20.53 -5.18
CA PHE C 13 15.44 -20.68 -3.91
C PHE C 13 15.62 -22.13 -3.48
N ALA C 14 15.97 -22.32 -2.21
CA ALA C 14 16.30 -23.62 -1.66
C ALA C 14 15.33 -23.93 -0.54
N LYS C 15 14.73 -25.12 -0.61
CA LYS C 15 13.70 -25.54 0.33
C LYS C 15 14.28 -26.55 1.31
N MET C 16 14.25 -26.20 2.60
CA MET C 16 14.54 -27.11 3.69
C MET C 16 13.25 -27.37 4.45
N LYS C 17 13.15 -28.54 5.06
CA LYS C 17 12.04 -28.81 5.97
C LYS C 17 12.12 -27.81 7.12
N GLY C 18 11.00 -27.16 7.40
CA GLY C 18 10.95 -26.26 8.55
C GLY C 18 11.03 -24.79 8.11
N TYR C 19 11.14 -24.53 6.80
CA TYR C 19 11.49 -23.19 6.34
C TYR C 19 10.84 -22.88 4.99
N PRO C 20 10.46 -21.61 4.75
CA PRO C 20 10.00 -21.20 3.41
C PRO C 20 11.11 -21.40 2.37
N HIS C 21 10.71 -21.50 1.09
CA HIS C 21 11.66 -21.43 -0.01
C HIS C 21 12.54 -20.20 0.18
N TRP C 22 13.86 -20.41 0.23
CA TRP C 22 14.76 -19.39 0.74
C TRP C 22 15.71 -18.95 -0.36
N PRO C 23 15.98 -17.63 -0.53
CA PRO C 23 16.94 -17.17 -1.54
C PRO C 23 18.36 -17.58 -1.17
N ALA C 24 19.10 -18.08 -2.15
CA ALA C 24 20.35 -18.76 -1.87
C ALA C 24 21.20 -18.81 -3.14
N ARG C 25 22.46 -19.28 -3.00
CA ARG C 25 23.20 -19.69 -4.19
C ARG C 25 23.95 -21.01 -3.95
N ILE C 26 24.32 -21.63 -5.07
CA ILE C 26 25.25 -22.75 -5.14
C ILE C 26 26.67 -22.24 -4.82
N ASP C 27 27.28 -22.84 -3.80
CA ASP C 27 28.66 -22.59 -3.44
C ASP C 27 29.60 -23.53 -4.21
N ASP C 28 30.91 -23.34 -4.01
CA ASP C 28 31.92 -24.19 -4.63
C ASP C 28 32.68 -24.93 -3.53
N ILE C 29 32.46 -26.25 -3.45
CA ILE C 29 33.14 -27.14 -2.52
C ILE C 29 34.62 -27.18 -2.90
N ALA C 30 35.50 -26.97 -1.91
CA ALA C 30 36.94 -26.91 -2.13
C ALA C 30 37.55 -28.31 -2.23
N LYS C 35 33.62 -33.56 1.42
CA LYS C 35 32.88 -33.49 0.13
C LYS C 35 31.39 -33.65 0.43
N PRO C 36 30.47 -33.30 -0.51
CA PRO C 36 29.03 -33.37 -0.24
C PRO C 36 28.54 -34.82 -0.05
N PRO C 37 27.41 -35.07 0.65
CA PRO C 37 26.77 -36.38 0.59
C PRO C 37 26.39 -36.62 -0.87
N PRO C 38 26.32 -37.90 -1.33
CA PRO C 38 26.06 -38.18 -2.74
C PRO C 38 24.90 -37.35 -3.24
N ASN C 39 25.12 -36.71 -4.40
CA ASN C 39 24.09 -36.00 -5.15
C ASN C 39 23.52 -34.82 -4.37
N LYS C 40 24.30 -34.23 -3.46
CA LYS C 40 23.88 -33.00 -2.80
C LYS C 40 24.77 -31.83 -3.20
N TYR C 41 24.18 -30.64 -3.31
CA TYR C 41 24.93 -29.42 -3.62
C TYR C 41 25.13 -28.62 -2.33
N PRO C 42 26.28 -27.91 -2.22
CA PRO C 42 26.52 -26.99 -1.10
C PRO C 42 25.77 -25.70 -1.40
N ILE C 43 24.97 -25.27 -0.40
CA ILE C 43 24.09 -24.12 -0.55
C ILE C 43 24.47 -23.07 0.49
N PHE C 44 24.48 -21.81 0.05
CA PHE C 44 24.64 -20.67 0.93
C PHE C 44 23.32 -19.89 0.91
N PHE C 45 22.81 -19.59 2.10
CA PHE C 45 21.54 -18.92 2.24
C PHE C 45 21.79 -17.43 2.42
N PHE C 46 21.17 -16.64 1.54
CA PHE C 46 21.24 -15.19 1.71
C PHE C 46 20.50 -14.76 2.98
N GLY C 47 20.88 -13.61 3.52
CA GLY C 47 20.22 -13.12 4.72
C GLY C 47 20.79 -13.77 5.97
N THR C 48 20.61 -15.10 6.12
CA THR C 48 21.17 -15.74 7.30
C THR C 48 22.67 -15.99 7.12
N HIS C 49 23.11 -16.16 5.87
CA HIS C 49 24.51 -16.44 5.54
C HIS C 49 24.97 -17.80 6.06
N GLU C 50 24.04 -18.74 6.25
CA GLU C 50 24.36 -20.10 6.66
C GLU C 50 24.47 -21.03 5.45
N THR C 51 25.00 -22.24 5.67
CA THR C 51 25.22 -23.20 4.59
C THR C 51 24.51 -24.52 4.92
N ALA C 52 24.24 -25.32 3.89
CA ALA C 52 23.66 -26.65 4.02
C ALA C 52 23.89 -27.44 2.74
N PHE C 53 23.60 -28.74 2.78
CA PHE C 53 23.64 -29.61 1.61
C PHE C 53 22.20 -29.93 1.25
N LEU C 54 21.85 -29.73 -0.03
CA LEU C 54 20.50 -30.02 -0.49
C LEU C 54 20.58 -30.73 -1.84
N GLY C 55 19.60 -31.59 -2.10
CA GLY C 55 19.51 -32.27 -3.38
C GLY C 55 18.83 -31.38 -4.42
N PRO C 56 18.99 -31.67 -5.73
CA PRO C 56 18.55 -30.75 -6.78
C PRO C 56 17.05 -30.52 -6.69
N LYS C 57 16.35 -31.48 -6.08
CA LYS C 57 14.89 -31.42 -6.01
C LYS C 57 14.45 -30.25 -5.14
N ASP C 58 15.35 -29.82 -4.26
CA ASP C 58 15.01 -28.83 -3.24
C ASP C 58 15.33 -27.44 -3.76
N LEU C 59 15.75 -27.36 -5.02
CA LEU C 59 16.35 -26.15 -5.58
C LEU C 59 15.54 -25.67 -6.77
N PHE C 60 15.42 -24.35 -6.90
CA PHE C 60 14.61 -23.68 -7.91
C PHE C 60 15.40 -22.50 -8.48
N PRO C 61 15.74 -22.50 -9.81
CA PRO C 61 16.49 -21.38 -10.41
C PRO C 61 15.72 -20.09 -10.15
N TYR C 62 16.49 -19.07 -9.73
CA TYR C 62 16.01 -17.82 -9.15
C TYR C 62 15.16 -17.04 -10.15
N ASP C 63 15.66 -16.87 -11.37
CA ASP C 63 14.93 -16.11 -12.38
C ASP C 63 13.60 -16.80 -12.71
N LYS C 64 13.60 -18.13 -12.73
CA LYS C 64 12.41 -18.87 -13.11
C LYS C 64 11.33 -18.83 -12.03
N SER C 65 11.74 -18.67 -10.76
CA SER C 65 10.77 -18.93 -9.69
C SER C 65 10.56 -17.70 -8.80
N LYS C 66 11.28 -16.61 -9.04
CA LYS C 66 11.15 -15.48 -8.12
C LYS C 66 9.70 -14.97 -8.08
N ASP C 67 8.98 -15.04 -9.21
CA ASP C 67 7.60 -14.56 -9.24
C ASP C 67 6.79 -15.25 -8.13
N LYS C 68 7.17 -16.50 -7.81
CA LYS C 68 6.45 -17.32 -6.85
C LYS C 68 7.06 -17.24 -5.44
N TYR C 69 8.40 -17.33 -5.30
CA TYR C 69 8.97 -17.45 -3.97
C TYR C 69 9.57 -16.12 -3.48
N GLY C 70 9.84 -15.20 -4.41
CA GLY C 70 10.47 -13.93 -4.06
C GLY C 70 9.42 -12.93 -3.62
N LYS C 71 8.85 -13.19 -2.44
CA LYS C 71 7.88 -12.31 -1.80
C LYS C 71 8.25 -12.28 -0.33
N PRO C 72 8.06 -11.15 0.40
CA PRO C 72 8.53 -11.04 1.77
C PRO C 72 7.89 -12.04 2.72
N ASN C 73 8.59 -12.33 3.82
CA ASN C 73 7.93 -12.91 4.98
C ASN C 73 8.79 -12.60 6.20
N LYS C 74 8.29 -13.04 7.35
CA LYS C 74 8.72 -12.49 8.63
C LYS C 74 9.85 -13.34 9.22
N ARG C 75 10.23 -14.43 8.54
CA ARG C 75 11.23 -15.33 9.10
C ARG C 75 12.57 -14.60 9.14
N LYS C 76 13.32 -14.85 10.22
CA LYS C 76 14.54 -14.14 10.53
C LYS C 76 15.49 -14.17 9.34
N GLY C 77 15.87 -12.97 8.89
CA GLY C 77 16.91 -12.82 7.87
C GLY C 77 16.36 -12.96 6.45
N PHE C 78 15.08 -13.31 6.29
CA PHE C 78 14.55 -13.63 4.97
C PHE C 78 14.60 -12.38 4.06
N ASN C 79 14.09 -11.25 4.58
CA ASN C 79 13.88 -10.10 3.74
C ASN C 79 15.22 -9.50 3.32
N GLU C 80 16.17 -9.51 4.25
CA GLU C 80 17.52 -9.11 3.90
C GLU C 80 18.09 -10.05 2.84
N GLY C 81 17.75 -11.35 2.94
CA GLY C 81 18.17 -12.32 1.94
C GLY C 81 17.62 -11.94 0.57
N LEU C 82 16.36 -11.49 0.54
CA LEU C 82 15.73 -11.04 -0.69
C LEU C 82 16.47 -9.84 -1.26
N TRP C 83 16.89 -8.90 -0.39
CA TRP C 83 17.69 -7.77 -0.87
C TRP C 83 19.04 -8.21 -1.46
N GLU C 84 19.67 -9.22 -0.84
CA GLU C 84 20.96 -9.70 -1.31
C GLU C 84 20.86 -10.39 -2.66
N ILE C 85 19.82 -11.22 -2.85
CA ILE C 85 19.74 -12.03 -4.06
C ILE C 85 19.46 -11.18 -5.31
N GLN C 86 18.83 -10.02 -5.09
CA GLN C 86 18.45 -9.07 -6.12
C GLN C 86 19.55 -8.04 -6.40
N ASN C 87 20.26 -7.61 -5.36
CA ASN C 87 21.08 -6.40 -5.38
C ASN C 87 22.55 -6.65 -5.04
N ASN C 88 22.93 -7.82 -4.54
CA ASN C 88 24.34 -8.05 -4.25
C ASN C 88 24.62 -9.55 -4.17
N PRO C 89 24.27 -10.33 -5.21
CA PRO C 89 24.29 -11.80 -5.12
C PRO C 89 25.63 -12.52 -5.08
N HIS C 90 26.72 -11.81 -5.42
CA HIS C 90 28.03 -12.46 -5.47
C HIS C 90 29.03 -11.78 -4.54
N ALA C 91 28.55 -11.16 -3.46
CA ALA C 91 29.44 -10.59 -2.45
C ALA C 91 29.84 -11.66 -1.43
N SER C 92 30.70 -11.29 -0.47
CA SER C 92 31.46 -12.18 0.40
C SER C 92 30.63 -12.75 1.54
N TYR C 93 30.09 -11.86 2.38
CA TYR C 93 29.42 -12.20 3.63
C TYR C 93 30.21 -13.29 4.38
S SO4 D . 13.22 -1.28 16.15
O1 SO4 D . 12.00 -1.44 16.90
O2 SO4 D . 12.93 -0.73 14.84
O3 SO4 D . 14.11 -0.40 16.85
O4 SO4 D . 13.86 -2.56 15.99
S SO4 E . 18.58 11.43 13.45
O1 SO4 E . 17.50 12.38 13.50
O2 SO4 E . 18.98 11.24 12.08
O3 SO4 E . 19.69 11.95 14.20
O4 SO4 E . 18.17 10.18 14.01
C1 EDO F . -1.73 1.20 1.09
O1 EDO F . -2.08 0.63 -0.16
C2 EDO F . -2.24 2.59 1.29
O2 EDO F . -1.60 3.56 0.48
S SO4 G . 12.12 -6.49 7.74
O1 SO4 G . 10.82 -6.48 7.17
O2 SO4 G . 12.03 -6.47 9.17
O3 SO4 G . 12.82 -7.68 7.31
O4 SO4 G . 12.84 -5.32 7.30
S SO4 H . -12.90 19.80 -0.08
O1 SO4 H . -14.23 19.31 -0.29
O2 SO4 H . -12.83 20.49 1.18
O3 SO4 H . -11.96 18.69 -0.06
O4 SO4 H . -12.57 20.69 -1.15
S SO4 I . -17.86 5.54 12.88
O1 SO4 I . -17.99 4.75 11.68
O2 SO4 I . -18.59 4.90 13.94
O3 SO4 I . -16.47 5.64 13.24
O4 SO4 I . -18.38 6.86 12.66
N1 UWS J . -17.16 5.07 -0.47
C4 UWS J . -15.47 6.55 0.32
C5 UWS J . -17.74 4.44 -1.44
C6 UWS J . -19.07 3.82 -1.15
C7 UWS J . -17.17 4.36 -2.78
C8 UWS J . -16.01 4.99 -3.01
N UWS J . -15.98 5.73 -0.76
C UWS J . -18.67 10.32 1.58
O UWS J . -14.34 6.42 -2.15
C1 UWS J . -17.76 9.36 0.90
C2 UWS J . -17.03 8.28 1.47
C3 UWS J . -16.38 7.72 0.44
C9 UWS J . -15.35 5.75 -1.99
N2 UWS J . -17.55 9.45 -0.39
O1 UWS J . -16.65 8.39 -0.70
C1 EDO K . 17.07 -20.55 6.94
O1 EDO K . 16.92 -19.92 8.20
C2 EDO K . 18.24 -20.07 6.16
O2 EDO K . 19.48 -20.22 6.78
S SO4 L . 7.04 -28.28 4.57
O1 SO4 L . 6.32 -28.43 3.32
O2 SO4 L . 6.77 -26.97 5.11
O3 SO4 L . 6.61 -29.28 5.50
O4 SO4 L . 8.44 -28.42 4.32
#